data_5T2H
#
_entry.id   5T2H
#
_cell.length_a   39.696
_cell.length_b   68.928
_cell.length_c   157.530
_cell.angle_alpha   90.000
_cell.angle_beta   90.000
_cell.angle_gamma   90.000
#
_symmetry.space_group_name_H-M   'P 21 21 21'
#
loop_
_entity.id
_entity.type
_entity.pdbx_description
1 polymer I-OnuI_e-hTCRa
2 polymer 'DNA (26-MER)'
3 polymer 'DNA (26-MER)'
4 non-polymer 'CALCIUM ION'
5 water water
#
loop_
_entity_poly.entity_id
_entity_poly.type
_entity_poly.pdbx_seq_one_letter_code
_entity_poly.pdbx_strand_id
1 'polypeptide(L)'
;MASSINPWILTGFADAEGSFILDIRNRNNESNRYRTSLRFQITLHNKDKSILENIQSTWKVGKITNSSDRAVMLRVTRFE
DLKVIIDHFEKYPLITQKLGDYKLFKQAFSVMENKEHLKENGIKELVRIKAKMNWGLNDELKKAFPENISKERPLINKNI
PNFKWLAGFTAGEGHFGVNLKKVKGTAKVYVGLRFAISQHIRDKNLMNSLITYLGCGSIREKNKSEFRWLEFEVTKFSDI
NDKIIPVFQENTLIGVKLEDFEDWCKVAKLIEEKKHLTESGLDEIKKIKLNMNKGRVFS
;
A
2 'polydeoxyribonucleotide'
;(DG)(DG)(DG)(DT)(DG)(DT)(DC)(DT)(DG)(DC)(DC)(DT)(DA)(DT)(DT)(DC)(DA)(DC)(DC)(DG)
(DA)(DT)(DT)(DT)(DT)(DG)
;
B
3 'polydeoxyribonucleotide'
;(DC)(DC)(DA)(DA)(DA)(DA)(DT)(DC)(DG)(DG)(DT)(DG)(DA)(DA)(DT)(DA)(DG)(DG)(DC)(DA)
(DG)(DA)(DC)(DA)(DC)(DC)
;
C
#
loop_
_chem_comp.id
_chem_comp.type
_chem_comp.name
_chem_comp.formula
CA non-polymer 'CALCIUM ION' 'Ca 2'
DA DNA linking 2'-DEOXYADENOSINE-5'-MONOPHOSPHATE 'C10 H14 N5 O6 P'
DC DNA linking 2'-DEOXYCYTIDINE-5'-MONOPHOSPHATE 'C9 H14 N3 O7 P'
DG DNA linking 2'-DEOXYGUANOSINE-5'-MONOPHOSPHATE 'C10 H14 N5 O7 P'
DT DNA linking THYMIDINE-5'-MONOPHOSPHATE 'C10 H15 N2 O8 P'
#
# COMPACT_ATOMS: atom_id res chain seq x y z
N SER A 3 -12.68 -6.86 14.45
CA SER A 3 -13.29 -6.74 13.13
C SER A 3 -13.25 -5.30 12.64
N SER A 4 -12.93 -4.38 13.54
CA SER A 4 -12.84 -2.96 13.20
C SER A 4 -11.41 -2.47 13.33
N ILE A 5 -10.71 -2.44 12.20
CA ILE A 5 -9.31 -2.03 12.15
C ILE A 5 -9.12 -0.57 12.58
N ASN A 6 -8.06 -0.32 13.33
CA ASN A 6 -7.68 1.03 13.75
C ASN A 6 -7.62 2.00 12.56
N PRO A 7 -8.16 3.20 12.74
CA PRO A 7 -8.26 4.21 11.67
C PRO A 7 -6.92 4.58 11.05
N TRP A 8 -5.87 4.72 11.85
CA TRP A 8 -4.56 5.10 11.31
C TRP A 8 -3.85 3.91 10.65
N ILE A 9 -4.15 2.71 11.11
CA ILE A 9 -3.64 1.51 10.47
C ILE A 9 -4.31 1.35 9.11
N LEU A 10 -5.58 1.72 9.04
CA LEU A 10 -6.35 1.64 7.81
C LEU A 10 -5.85 2.64 6.76
N THR A 11 -5.52 3.85 7.21
CA THR A 11 -5.00 4.89 6.33
C THR A 11 -3.65 4.48 5.73
N GLY A 12 -2.78 3.95 6.58
CA GLY A 12 -1.47 3.50 6.14
C GLY A 12 -1.56 2.40 5.10
N PHE A 13 -2.52 1.51 5.29
CA PHE A 13 -2.76 0.42 4.34
C PHE A 13 -3.32 0.98 3.03
N ALA A 14 -4.12 2.03 3.15
CA ALA A 14 -4.75 2.67 1.99
C ALA A 14 -3.71 3.37 1.12
N ASP A 15 -2.71 3.98 1.76
CA ASP A 15 -1.63 4.62 1.02
C ASP A 15 -0.83 3.57 0.25
N ALA A 16 -0.87 2.33 0.73
CA ALA A 16 -0.14 1.25 0.09
C ALA A 16 -0.97 0.58 -1.01
N GLU A 17 -2.23 0.27 -0.72
CA GLU A 17 -3.03 -0.55 -1.62
C GLU A 17 -4.25 0.16 -2.21
N GLY A 18 -4.75 1.18 -1.51
CA GLY A 18 -5.96 1.87 -1.91
C GLY A 18 -5.90 2.58 -3.25
N SER A 19 -7.07 2.94 -3.77
CA SER A 19 -7.16 3.64 -5.04
C SER A 19 -8.38 4.56 -5.09
N PHE A 20 -8.17 5.80 -5.51
CA PHE A 20 -9.26 6.74 -5.71
C PHE A 20 -9.50 6.94 -7.20
N ILE A 21 -10.65 6.50 -7.68
CA ILE A 21 -10.90 6.41 -9.11
C ILE A 21 -11.98 7.36 -9.61
N LEU A 22 -11.65 8.12 -10.66
CA LEU A 22 -12.62 8.93 -11.37
C LEU A 22 -12.79 8.40 -12.79
N ASP A 23 -13.98 7.88 -13.09
CA ASP A 23 -14.25 7.32 -14.40
C ASP A 23 -15.13 8.23 -15.25
N ILE A 24 -14.73 8.41 -16.51
CA ILE A 24 -15.52 9.18 -17.47
C ILE A 24 -15.66 8.38 -18.77
N ARG A 25 -16.89 7.93 -19.04
CA ARG A 25 -17.13 7.07 -20.19
C ARG A 25 -18.33 7.53 -21.03
N ASN A 26 -18.46 6.95 -22.22
CA ASN A 26 -19.60 7.23 -23.09
C ASN A 26 -20.79 6.33 -22.75
N ARG A 27 -21.97 6.94 -22.61
CA ARG A 27 -23.19 6.18 -22.35
C ARG A 27 -23.71 5.53 -23.64
N ASN A 28 -23.79 4.20 -23.63
CA ASN A 28 -24.27 3.43 -24.77
C ASN A 28 -23.54 3.76 -26.07
N ASN A 29 -22.23 3.99 -25.96
CA ASN A 29 -21.38 4.31 -27.11
C ASN A 29 -21.90 5.52 -27.88
N GLU A 30 -22.36 6.53 -27.15
CA GLU A 30 -22.88 7.75 -27.76
C GLU A 30 -21.94 8.93 -27.49
N SER A 31 -21.55 9.62 -28.56
CA SER A 31 -20.68 10.79 -28.43
C SER A 31 -21.43 11.96 -27.80
N ASN A 32 -20.68 12.86 -27.18
CA ASN A 32 -21.24 14.03 -26.50
C ASN A 32 -22.27 13.66 -25.43
N ARG A 33 -22.02 12.55 -24.73
CA ARG A 33 -22.88 12.10 -23.65
C ARG A 33 -22.08 11.25 -22.68
N TYR A 34 -21.55 11.88 -21.64
CA TYR A 34 -20.59 11.23 -20.75
C TYR A 34 -21.17 10.83 -19.40
N ARG A 35 -20.85 9.61 -18.98
CA ARG A 35 -21.20 9.13 -17.65
C ARG A 35 -20.01 9.28 -16.72
N THR A 36 -20.23 9.90 -15.57
CA THR A 36 -19.16 10.08 -14.60
C THR A 36 -19.51 9.43 -13.26
N SER A 37 -18.50 8.80 -12.64
CA SER A 37 -18.71 8.12 -11.37
C SER A 37 -17.39 8.00 -10.61
N LEU A 38 -17.49 8.06 -9.28
CA LEU A 38 -16.33 7.90 -8.42
C LEU A 38 -16.40 6.59 -7.66
N ARG A 39 -15.23 6.04 -7.32
CA ARG A 39 -15.19 4.82 -6.53
C ARG A 39 -13.86 4.67 -5.80
N PHE A 40 -13.91 4.02 -4.64
CA PHE A 40 -12.70 3.63 -3.92
C PHE A 40 -12.58 2.12 -3.96
N GLN A 41 -11.37 1.62 -4.19
CA GLN A 41 -11.17 0.18 -4.26
C GLN A 41 -9.79 -0.27 -3.79
N ILE A 42 -9.76 -1.45 -3.18
CA ILE A 42 -8.51 -2.06 -2.73
C ILE A 42 -8.47 -3.51 -3.20
N THR A 43 -7.45 -3.85 -3.99
CA THR A 43 -7.28 -5.21 -4.46
C THR A 43 -6.26 -5.95 -3.61
N LEU A 44 -6.63 -7.13 -3.13
CA LEU A 44 -5.72 -7.97 -2.36
C LEU A 44 -5.84 -9.43 -2.79
N HIS A 45 -4.81 -10.22 -2.49
CA HIS A 45 -4.87 -11.66 -2.72
C HIS A 45 -5.99 -12.26 -1.88
N ASN A 46 -6.54 -13.37 -2.34
CA ASN A 46 -7.64 -14.04 -1.63
C ASN A 46 -7.30 -14.37 -0.17
N LYS A 47 -6.02 -14.56 0.10
CA LYS A 47 -5.54 -14.88 1.44
C LYS A 47 -5.82 -13.76 2.43
N ASP A 48 -5.90 -12.53 1.93
CA ASP A 48 -6.11 -11.36 2.79
C ASP A 48 -7.48 -10.74 2.58
N LYS A 49 -8.46 -11.56 2.20
CA LYS A 49 -9.83 -11.09 2.02
C LYS A 49 -10.42 -10.63 3.35
N SER A 50 -9.87 -11.16 4.45
CA SER A 50 -10.32 -10.80 5.78
C SER A 50 -10.05 -9.33 6.07
N ILE A 51 -8.96 -8.81 5.53
CA ILE A 51 -8.63 -7.40 5.69
C ILE A 51 -9.73 -6.53 5.10
N LEU A 52 -10.11 -6.82 3.86
CA LEU A 52 -11.14 -6.07 3.17
C LEU A 52 -12.47 -6.15 3.91
N GLU A 53 -12.74 -7.29 4.54
CA GLU A 53 -13.95 -7.46 5.32
C GLU A 53 -13.87 -6.68 6.63
N ASN A 54 -12.66 -6.55 7.17
CA ASN A 54 -12.44 -5.73 8.35
C ASN A 54 -12.63 -4.25 8.05
N ILE A 55 -12.21 -3.85 6.86
CA ILE A 55 -12.43 -2.48 6.38
C ILE A 55 -13.92 -2.25 6.16
N GLN A 56 -14.58 -3.28 5.65
CA GLN A 56 -16.01 -3.21 5.36
C GLN A 56 -16.84 -3.09 6.63
N SER A 57 -16.26 -3.54 7.75
CA SER A 57 -16.94 -3.46 9.03
C SER A 57 -16.65 -2.14 9.74
N THR A 58 -15.52 -1.54 9.41
CA THR A 58 -15.13 -0.26 10.01
C THR A 58 -15.91 0.90 9.41
N TRP A 59 -16.01 0.91 8.08
CA TRP A 59 -16.70 1.98 7.37
C TRP A 59 -18.17 1.67 7.15
N LYS A 60 -18.52 0.39 7.27
CA LYS A 60 -19.89 -0.09 7.05
C LYS A 60 -20.38 0.21 5.63
N VAL A 61 -19.45 0.35 4.70
CA VAL A 61 -19.78 0.58 3.30
C VAL A 61 -18.88 -0.26 2.39
N GLY A 62 -19.31 -0.46 1.15
CA GLY A 62 -18.52 -1.19 0.17
C GLY A 62 -18.95 -2.64 0.02
N LYS A 63 -18.66 -3.21 -1.15
CA LYS A 63 -18.99 -4.60 -1.44
C LYS A 63 -17.78 -5.33 -2.05
N ILE A 64 -17.50 -6.52 -1.54
CA ILE A 64 -16.35 -7.29 -1.99
C ILE A 64 -16.70 -8.24 -3.12
N THR A 65 -15.95 -8.14 -4.22
CA THR A 65 -16.14 -9.02 -5.36
C THR A 65 -14.81 -9.61 -5.83
N ASN A 66 -14.87 -10.54 -6.78
CA ASN A 66 -13.67 -11.17 -7.32
C ASN A 66 -12.99 -10.31 -8.38
N SER A 67 -11.70 -10.04 -8.18
CA SER A 67 -10.91 -9.34 -9.17
C SER A 67 -10.44 -10.32 -10.23
N SER A 68 -9.98 -11.48 -9.78
CA SER A 68 -9.53 -12.55 -10.66
C SER A 68 -9.69 -13.90 -9.96
N ASP A 69 -8.91 -14.88 -10.40
CA ASP A 69 -8.96 -16.20 -9.80
C ASP A 69 -8.23 -16.25 -8.46
N ARG A 70 -7.34 -15.29 -8.24
CA ARG A 70 -6.53 -15.28 -7.03
C ARG A 70 -6.63 -13.96 -6.25
N ALA A 71 -7.53 -13.08 -6.68
CA ALA A 71 -7.63 -11.77 -6.05
C ALA A 71 -9.08 -11.32 -5.85
N VAL A 72 -9.33 -10.71 -4.70
CA VAL A 72 -10.61 -10.10 -4.41
C VAL A 72 -10.43 -8.59 -4.27
N MET A 73 -11.52 -7.83 -4.39
CA MET A 73 -11.43 -6.38 -4.29
C MET A 73 -12.67 -5.77 -3.65
N LEU A 74 -12.45 -4.81 -2.75
CA LEU A 74 -13.52 -4.11 -2.08
C LEU A 74 -13.81 -2.79 -2.79
N ARG A 75 -15.01 -2.64 -3.34
CA ARG A 75 -15.34 -1.45 -4.10
C ARG A 75 -16.49 -0.67 -3.48
N VAL A 76 -16.29 0.64 -3.31
CA VAL A 76 -17.33 1.53 -2.84
C VAL A 76 -17.85 2.37 -4.00
N THR A 77 -19.02 2.02 -4.52
CA THR A 77 -19.54 2.65 -5.73
C THR A 77 -20.72 3.60 -5.45
N ARG A 78 -21.34 3.46 -4.29
CA ARG A 78 -22.45 4.32 -3.92
C ARG A 78 -21.93 5.71 -3.55
N PHE A 79 -22.46 6.73 -4.22
CA PHE A 79 -21.99 8.11 -4.03
C PHE A 79 -22.18 8.58 -2.59
N GLU A 80 -23.30 8.21 -1.99
CA GLU A 80 -23.58 8.58 -0.60
C GLU A 80 -22.60 7.89 0.34
N ASP A 81 -22.17 6.70 -0.03
CA ASP A 81 -21.23 5.93 0.78
C ASP A 81 -19.81 6.51 0.70
N LEU A 82 -19.55 7.28 -0.34
CA LEU A 82 -18.23 7.89 -0.53
C LEU A 82 -17.97 8.99 0.50
N LYS A 83 -19.04 9.47 1.14
CA LYS A 83 -18.91 10.47 2.19
C LYS A 83 -18.21 9.87 3.40
N VAL A 84 -18.44 8.59 3.66
CA VAL A 84 -17.80 7.87 4.75
C VAL A 84 -16.29 7.80 4.52
N ILE A 85 -15.91 7.56 3.27
CA ILE A 85 -14.51 7.51 2.89
C ILE A 85 -13.85 8.88 3.06
N ILE A 86 -14.53 9.92 2.57
CA ILE A 86 -14.02 11.28 2.66
C ILE A 86 -13.87 11.73 4.11
N ASP A 87 -14.88 11.44 4.93
CA ASP A 87 -14.84 11.78 6.35
C ASP A 87 -13.65 11.14 7.06
N HIS A 88 -13.32 9.93 6.64
CA HIS A 88 -12.21 9.20 7.24
C HIS A 88 -10.86 9.84 6.91
N PHE A 89 -10.62 10.09 5.64
CA PHE A 89 -9.32 10.60 5.19
C PHE A 89 -9.15 12.10 5.47
N GLU A 90 -10.19 12.73 5.98
CA GLU A 90 -10.09 14.12 6.42
C GLU A 90 -9.56 14.18 7.85
N LYS A 91 -9.80 13.13 8.62
CA LYS A 91 -9.34 13.06 10.00
C LYS A 91 -8.04 12.26 10.09
N TYR A 92 -7.84 11.37 9.12
CA TYR A 92 -6.62 10.58 9.04
C TYR A 92 -6.05 10.66 7.64
N PRO A 93 -5.42 11.80 7.30
CA PRO A 93 -4.96 12.12 5.94
C PRO A 93 -3.90 11.15 5.41
N LEU A 94 -3.85 11.03 4.08
CA LEU A 94 -2.83 10.21 3.43
C LEU A 94 -1.47 10.86 3.55
N ILE A 95 -0.41 10.08 3.30
CA ILE A 95 0.95 10.58 3.46
C ILE A 95 1.74 10.53 2.16
N THR A 96 1.53 9.47 1.38
CA THR A 96 2.22 9.30 0.11
C THR A 96 1.70 10.26 -0.95
N GLN A 97 2.08 10.02 -2.21
CA GLN A 97 1.63 10.85 -3.32
C GLN A 97 0.18 10.55 -3.69
N LYS A 98 -0.38 9.53 -3.06
CA LYS A 98 -1.78 9.17 -3.27
C LYS A 98 -2.70 10.24 -2.70
N LEU A 99 -2.17 11.05 -1.79
CA LEU A 99 -2.92 12.17 -1.23
C LEU A 99 -3.36 13.13 -2.32
N GLY A 100 -2.51 13.33 -3.32
CA GLY A 100 -2.82 14.16 -4.46
C GLY A 100 -4.01 13.61 -5.23
N ASP A 101 -4.07 12.29 -5.35
CA ASP A 101 -5.20 11.64 -6.00
C ASP A 101 -6.47 11.85 -5.20
N TYR A 102 -6.36 11.78 -3.87
CA TYR A 102 -7.49 11.96 -2.98
C TYR A 102 -8.05 13.38 -3.06
N LYS A 103 -7.17 14.36 -3.15
CA LYS A 103 -7.58 15.75 -3.26
C LYS A 103 -8.32 15.99 -4.56
N LEU A 104 -7.83 15.38 -5.64
CA LEU A 104 -8.50 15.45 -6.92
C LEU A 104 -9.80 14.66 -6.89
N PHE A 105 -9.80 13.60 -6.09
CA PHE A 105 -10.99 12.77 -5.89
C PHE A 105 -12.09 13.56 -5.21
N LYS A 106 -11.72 14.32 -4.18
CA LYS A 106 -12.66 15.12 -3.42
C LYS A 106 -13.21 16.27 -4.26
N GLN A 107 -12.38 16.81 -5.15
CA GLN A 107 -12.80 17.91 -6.01
C GLN A 107 -13.87 17.44 -6.99
N ALA A 108 -13.69 16.25 -7.54
CA ALA A 108 -14.67 15.66 -8.44
C ALA A 108 -15.96 15.37 -7.70
N PHE A 109 -15.84 15.05 -6.42
CA PHE A 109 -16.99 14.78 -5.56
C PHE A 109 -17.86 16.01 -5.42
N SER A 110 -17.23 17.17 -5.23
CA SER A 110 -17.95 18.42 -5.09
C SER A 110 -18.67 18.79 -6.38
N VAL A 111 -18.03 18.53 -7.52
CA VAL A 111 -18.64 18.76 -8.82
C VAL A 111 -19.88 17.90 -9.00
N MET A 112 -19.78 16.64 -8.56
CA MET A 112 -20.88 15.70 -8.69
C MET A 112 -21.94 15.92 -7.61
N GLU A 113 -21.54 16.48 -6.47
CA GLU A 113 -22.47 16.75 -5.38
C GLU A 113 -23.38 17.92 -5.75
N ASN A 114 -22.85 18.84 -6.55
CA ASN A 114 -23.63 19.96 -7.06
C ASN A 114 -24.40 19.57 -8.31
N LYS A 115 -24.24 18.30 -8.71
CA LYS A 115 -24.88 17.75 -9.89
C LYS A 115 -24.48 18.52 -11.15
N GLU A 116 -23.32 19.15 -11.11
CA GLU A 116 -22.80 19.91 -12.24
C GLU A 116 -22.17 18.98 -13.27
N HIS A 117 -22.02 17.71 -12.91
CA HIS A 117 -21.43 16.72 -13.78
C HIS A 117 -22.37 16.34 -14.93
N LEU A 118 -23.59 16.85 -14.86
CA LEU A 118 -24.58 16.60 -15.90
C LEU A 118 -24.61 17.76 -16.90
N LYS A 119 -23.65 18.66 -16.78
CA LYS A 119 -23.56 19.81 -17.68
C LYS A 119 -22.28 19.76 -18.49
N GLU A 120 -22.22 20.56 -19.56
CA GLU A 120 -21.07 20.59 -20.45
C GLU A 120 -19.80 21.07 -19.74
N ASN A 121 -19.91 22.17 -19.01
CA ASN A 121 -18.78 22.74 -18.31
C ASN A 121 -18.33 21.87 -17.14
N GLY A 122 -19.27 21.12 -16.57
CA GLY A 122 -18.97 20.23 -15.47
C GLY A 122 -18.13 19.04 -15.90
N ILE A 123 -18.49 18.47 -17.05
CA ILE A 123 -17.72 17.37 -17.63
C ILE A 123 -16.31 17.83 -17.97
N LYS A 124 -16.20 19.00 -18.57
CA LYS A 124 -14.91 19.58 -18.95
C LYS A 124 -14.02 19.79 -17.73
N GLU A 125 -14.65 20.02 -16.58
CA GLU A 125 -13.91 20.20 -15.34
C GLU A 125 -13.41 18.85 -14.82
N LEU A 126 -14.27 17.84 -14.88
CA LEU A 126 -13.91 16.51 -14.42
C LEU A 126 -12.82 15.89 -15.28
N VAL A 127 -12.88 16.15 -16.58
CA VAL A 127 -11.87 15.67 -17.52
C VAL A 127 -10.51 16.22 -17.15
N ARG A 128 -10.47 17.49 -16.78
CA ARG A 128 -9.23 18.14 -16.38
C ARG A 128 -8.74 17.60 -15.04
N ILE A 129 -9.68 17.18 -14.20
CA ILE A 129 -9.35 16.57 -12.91
C ILE A 129 -8.76 15.18 -13.12
N LYS A 130 -9.43 14.39 -13.94
CA LYS A 130 -9.00 13.02 -14.24
C LYS A 130 -7.64 12.99 -14.91
N ALA A 131 -7.31 14.05 -15.63
CA ALA A 131 -6.04 14.14 -16.36
C ALA A 131 -4.85 14.11 -15.42
N LYS A 132 -5.06 14.52 -14.17
CA LYS A 132 -3.98 14.54 -13.19
C LYS A 132 -4.12 13.39 -12.19
N MET A 133 -5.14 12.55 -12.39
CA MET A 133 -5.38 11.41 -11.51
C MET A 133 -4.82 10.12 -12.08
N ASN A 134 -3.97 9.45 -11.31
CA ASN A 134 -3.46 8.13 -11.63
C ASN A 134 -2.79 8.05 -13.00
N TRP A 135 -3.40 7.29 -13.92
CA TRP A 135 -2.87 7.13 -15.26
C TRP A 135 -3.40 8.20 -16.21
N GLY A 136 -4.24 9.08 -15.68
CA GLY A 136 -4.77 10.19 -16.47
C GLY A 136 -5.78 9.77 -17.51
N LEU A 137 -5.89 10.56 -18.57
CA LEU A 137 -6.86 10.32 -19.63
C LEU A 137 -6.36 9.26 -20.61
N ASN A 138 -7.26 8.38 -21.04
CA ASN A 138 -6.92 7.35 -22.01
C ASN A 138 -6.89 7.94 -23.42
N ASP A 139 -6.65 7.07 -24.41
CA ASP A 139 -6.53 7.51 -25.80
C ASP A 139 -7.85 8.06 -26.34
N GLU A 140 -8.94 7.34 -26.11
CA GLU A 140 -10.25 7.75 -26.60
C GLU A 140 -10.72 9.05 -25.96
N LEU A 141 -10.42 9.21 -24.69
CA LEU A 141 -10.80 10.41 -23.95
C LEU A 141 -9.96 11.60 -24.40
N LYS A 142 -8.67 11.36 -24.63
CA LYS A 142 -7.76 12.40 -25.07
C LYS A 142 -8.10 12.88 -26.47
N LYS A 143 -8.65 11.97 -27.28
CA LYS A 143 -9.09 12.32 -28.62
C LYS A 143 -10.31 13.22 -28.58
N ALA A 144 -11.18 12.98 -27.60
CA ALA A 144 -12.40 13.77 -27.43
C ALA A 144 -12.08 15.14 -26.85
N PHE A 145 -11.00 15.21 -26.07
CA PHE A 145 -10.57 16.47 -25.47
C PHE A 145 -9.11 16.74 -25.80
N PRO A 146 -8.85 17.21 -27.03
CA PRO A 146 -7.47 17.42 -27.52
C PRO A 146 -6.81 18.67 -26.93
N GLU A 147 -7.54 19.42 -26.12
CA GLU A 147 -7.01 20.63 -25.50
C GLU A 147 -5.81 20.30 -24.61
N ASN A 148 -4.84 21.20 -24.58
CA ASN A 148 -3.63 21.00 -23.79
C ASN A 148 -3.92 21.05 -22.29
N ILE A 149 -4.40 19.93 -21.74
CA ILE A 149 -4.75 19.86 -20.34
C ILE A 149 -3.52 19.59 -19.48
N SER A 150 -3.43 20.29 -18.35
CA SER A 150 -2.32 20.10 -17.42
C SER A 150 -2.37 18.71 -16.79
N LYS A 151 -1.29 17.96 -16.97
CA LYS A 151 -1.19 16.60 -16.44
C LYS A 151 -0.58 16.58 -15.05
N GLU A 152 0.27 17.57 -14.77
CA GLU A 152 1.02 17.61 -13.52
C GLU A 152 0.14 17.89 -12.30
N ARG A 153 0.67 17.57 -11.12
CA ARG A 153 -0.02 17.79 -9.86
C ARG A 153 0.96 18.36 -8.84
N PRO A 154 0.43 19.03 -7.80
CA PRO A 154 1.32 19.49 -6.72
C PRO A 154 1.91 18.32 -5.94
N LEU A 155 3.23 18.31 -5.79
CA LEU A 155 3.93 17.24 -5.11
C LEU A 155 3.59 17.19 -3.63
N ILE A 156 3.45 15.97 -3.09
CA ILE A 156 3.15 15.79 -1.68
C ILE A 156 4.42 15.53 -0.88
N ASN A 157 4.62 16.30 0.18
CA ASN A 157 5.77 16.13 1.06
C ASN A 157 5.35 16.16 2.52
N LYS A 158 4.97 15.01 3.06
CA LYS A 158 4.50 14.93 4.43
C LYS A 158 5.37 13.98 5.27
N ASN A 159 5.25 14.09 6.59
CA ASN A 159 5.98 13.23 7.49
C ASN A 159 5.10 12.12 8.07
N ILE A 160 5.73 11.06 8.56
CA ILE A 160 5.01 9.95 9.17
C ILE A 160 4.29 10.43 10.43
N PRO A 161 2.95 10.37 10.43
CA PRO A 161 2.15 10.86 11.56
C PRO A 161 2.37 10.06 12.84
N ASN A 162 2.43 8.74 12.71
CA ASN A 162 2.62 7.86 13.87
C ASN A 162 3.02 6.46 13.45
N PHE A 163 3.32 5.61 14.42
CA PHE A 163 3.70 4.23 14.15
C PHE A 163 2.50 3.38 13.77
N LYS A 164 1.31 3.83 14.14
CA LYS A 164 0.08 3.12 13.78
C LYS A 164 -0.14 3.20 12.28
N TRP A 165 0.22 4.34 11.69
CA TRP A 165 0.19 4.49 10.24
C TRP A 165 1.26 3.61 9.60
N LEU A 166 2.42 3.55 10.24
CA LEU A 166 3.54 2.77 9.74
C LEU A 166 3.23 1.28 9.74
N ALA A 167 2.49 0.84 10.76
CA ALA A 167 2.09 -0.56 10.86
C ALA A 167 1.15 -0.94 9.73
N GLY A 168 0.25 -0.03 9.38
CA GLY A 168 -0.68 -0.25 8.29
C GLY A 168 0.02 -0.21 6.95
N PHE A 169 0.97 0.71 6.80
CA PHE A 169 1.73 0.84 5.57
C PHE A 169 2.68 -0.33 5.39
N THR A 170 3.26 -0.80 6.48
CA THR A 170 4.17 -1.94 6.45
C THR A 170 3.41 -3.24 6.20
N ALA A 171 2.22 -3.35 6.79
CA ALA A 171 1.37 -4.52 6.57
C ALA A 171 1.03 -4.65 5.08
N GLY A 172 1.12 -3.53 4.37
CA GLY A 172 0.86 -3.51 2.94
C GLY A 172 2.10 -3.73 2.10
N GLU A 173 3.20 -3.07 2.45
CA GLU A 173 4.39 -3.10 1.61
C GLU A 173 5.67 -3.48 2.33
N GLY A 174 5.54 -4.00 3.55
CA GLY A 174 6.71 -4.43 4.31
C GLY A 174 7.17 -5.82 3.92
N HIS A 175 8.32 -6.23 4.45
CA HIS A 175 8.86 -7.55 4.18
C HIS A 175 9.74 -8.05 5.32
N PHE A 176 9.43 -9.25 5.80
CA PHE A 176 10.22 -9.89 6.84
C PHE A 176 10.84 -11.18 6.32
N GLY A 177 12.11 -11.11 5.93
CA GLY A 177 12.74 -12.24 5.28
C GLY A 177 13.90 -12.84 6.05
N VAL A 178 14.16 -14.12 5.81
CA VAL A 178 15.31 -14.79 6.40
C VAL A 178 16.29 -15.18 5.30
N ASN A 179 17.51 -14.66 5.40
CA ASN A 179 18.50 -14.91 4.36
C ASN A 179 19.56 -15.91 4.82
N LEU A 180 19.68 -16.99 4.07
CA LEU A 180 20.70 -18.00 4.33
C LEU A 180 21.90 -17.79 3.42
N LYS A 181 22.86 -17.00 3.88
CA LYS A 181 24.08 -16.74 3.12
C LYS A 181 25.00 -17.96 3.12
N LYS A 182 24.80 -18.85 2.15
CA LYS A 182 25.59 -20.07 2.04
C LYS A 182 27.00 -19.75 1.54
N VAL A 183 27.99 -19.98 2.40
CA VAL A 183 29.38 -19.73 2.07
C VAL A 183 29.86 -20.73 1.02
N LYS A 184 30.42 -20.22 -0.08
CA LYS A 184 30.81 -21.06 -1.21
C LYS A 184 32.06 -21.88 -0.92
N GLY A 185 32.06 -23.13 -1.39
CA GLY A 185 33.19 -24.03 -1.21
C GLY A 185 33.15 -24.72 0.13
N THR A 186 32.01 -24.64 0.81
CA THR A 186 31.84 -25.23 2.13
C THR A 186 30.42 -25.71 2.37
N ALA A 187 30.07 -25.89 3.64
CA ALA A 187 28.73 -26.33 4.02
C ALA A 187 28.13 -25.40 5.07
N LYS A 188 28.93 -24.44 5.51
CA LYS A 188 28.49 -23.49 6.53
C LYS A 188 27.54 -22.45 5.94
N VAL A 189 26.52 -22.09 6.71
CA VAL A 189 25.53 -21.10 6.29
C VAL A 189 25.22 -20.13 7.43
N TYR A 190 25.34 -18.84 7.16
CA TYR A 190 25.06 -17.82 8.18
C TYR A 190 23.66 -17.24 8.01
N VAL A 191 23.01 -16.93 9.13
CA VAL A 191 21.67 -16.38 9.11
C VAL A 191 21.66 -14.87 9.25
N GLY A 192 20.99 -14.20 8.31
CA GLY A 192 20.79 -12.77 8.39
C GLY A 192 19.31 -12.46 8.27
N LEU A 193 18.80 -11.64 9.20
CA LEU A 193 17.42 -11.21 9.14
C LEU A 193 17.30 -9.97 8.27
N ARG A 194 16.18 -9.83 7.58
CA ARG A 194 16.03 -8.79 6.59
C ARG A 194 14.66 -8.13 6.62
N PHE A 195 14.62 -6.87 7.03
CA PHE A 195 13.39 -6.08 7.00
C PHE A 195 13.43 -5.12 5.83
N ALA A 196 12.31 -5.00 5.11
CA ALA A 196 12.28 -4.19 3.90
C ALA A 196 10.94 -3.50 3.68
N ILE A 197 11.01 -2.27 3.18
CA ILE A 197 9.83 -1.53 2.74
C ILE A 197 10.10 -0.92 1.37
N SER A 198 9.32 -1.34 0.38
CA SER A 198 9.53 -0.90 -1.00
C SER A 198 8.50 0.14 -1.42
N GLN A 199 8.94 1.10 -2.23
CA GLN A 199 8.07 2.15 -2.76
C GLN A 199 8.65 2.76 -4.02
N HIS A 200 7.78 3.29 -4.87
CA HIS A 200 8.20 3.96 -6.09
C HIS A 200 9.03 5.20 -5.74
N ILE A 201 9.87 5.64 -6.68
CA ILE A 201 10.78 6.75 -6.44
C ILE A 201 10.04 8.07 -6.23
N ARG A 202 8.75 8.09 -6.53
CA ARG A 202 7.96 9.32 -6.41
C ARG A 202 7.78 9.76 -4.96
N ASP A 203 7.99 8.83 -4.03
CA ASP A 203 7.94 9.16 -2.61
C ASP A 203 9.31 8.97 -1.96
N LYS A 204 10.34 9.47 -2.62
CA LYS A 204 11.72 9.33 -2.13
C LYS A 204 11.92 10.06 -0.80
N ASN A 205 11.28 11.21 -0.65
CA ASN A 205 11.39 11.99 0.58
C ASN A 205 10.86 11.23 1.78
N LEU A 206 9.69 10.59 1.60
CA LEU A 206 9.08 9.81 2.67
C LEU A 206 9.92 8.57 3.00
N MET A 207 10.56 8.01 1.97
CA MET A 207 11.39 6.83 2.15
C MET A 207 12.64 7.14 2.98
N ASN A 208 13.27 8.27 2.69
CA ASN A 208 14.46 8.68 3.42
C ASN A 208 14.17 8.97 4.90
N SER A 209 12.94 9.36 5.19
CA SER A 209 12.54 9.68 6.55
C SER A 209 12.44 8.43 7.42
N LEU A 210 12.40 7.26 6.79
CA LEU A 210 12.32 5.99 7.51
C LEU A 210 13.59 5.72 8.30
N ILE A 211 14.73 6.17 7.77
CA ILE A 211 16.01 5.99 8.43
C ILE A 211 16.04 6.77 9.75
N THR A 212 15.39 7.92 9.76
CA THR A 212 15.33 8.76 10.95
C THR A 212 14.24 8.28 11.92
N TYR A 213 13.07 7.97 11.36
CA TYR A 213 11.91 7.58 12.15
C TYR A 213 12.13 6.26 12.89
N LEU A 214 13.05 5.44 12.37
CA LEU A 214 13.32 4.13 12.96
C LEU A 214 14.75 4.06 13.49
N GLY A 215 15.56 5.05 13.17
CA GLY A 215 16.91 5.14 13.66
C GLY A 215 17.83 4.05 13.16
N CYS A 216 17.58 3.58 11.94
CA CYS A 216 18.39 2.52 11.35
C CYS A 216 18.14 2.36 9.85
N GLY A 217 18.88 1.46 9.23
CA GLY A 217 18.66 1.09 7.85
C GLY A 217 19.12 2.11 6.83
N SER A 218 19.04 1.74 5.56
CA SER A 218 19.44 2.60 4.46
C SER A 218 18.55 2.39 3.24
N ILE A 219 18.36 3.45 2.45
CA ILE A 219 17.54 3.38 1.25
C ILE A 219 18.32 2.80 0.08
N ARG A 220 17.76 1.76 -0.56
CA ARG A 220 18.41 1.12 -1.68
C ARG A 220 17.69 1.40 -2.99
N GLU A 221 18.35 2.13 -3.88
CA GLU A 221 17.79 2.44 -5.19
C GLU A 221 17.84 1.20 -6.08
N LYS A 222 16.70 0.54 -6.23
CA LYS A 222 16.62 -0.68 -7.04
C LYS A 222 16.08 -0.37 -8.43
N ASN A 223 16.19 -1.34 -9.33
CA ASN A 223 15.78 -1.13 -10.71
C ASN A 223 15.40 -2.42 -11.44
N LYS A 224 14.43 -2.30 -12.34
CA LYS A 224 14.05 -3.39 -13.23
C LYS A 224 13.81 -2.83 -14.63
N SER A 225 14.64 -3.22 -15.58
CA SER A 225 14.62 -2.67 -16.93
C SER A 225 14.77 -1.15 -16.89
N GLU A 226 13.70 -0.44 -17.25
CA GLU A 226 13.73 1.02 -17.20
C GLU A 226 12.91 1.53 -16.01
N PHE A 227 12.33 0.60 -15.26
CA PHE A 227 11.55 0.96 -14.08
C PHE A 227 12.45 1.01 -12.84
N ARG A 228 12.17 1.95 -11.94
CA ARG A 228 12.98 2.14 -10.75
C ARG A 228 12.12 2.36 -9.52
N TRP A 229 12.63 1.92 -8.37
CA TRP A 229 11.95 2.13 -7.09
C TRP A 229 12.96 2.10 -5.94
N LEU A 230 12.49 2.38 -4.74
CA LEU A 230 13.36 2.42 -3.57
C LEU A 230 13.01 1.32 -2.58
N GLU A 231 13.98 0.90 -1.77
CA GLU A 231 13.76 -0.13 -0.77
C GLU A 231 14.50 0.20 0.53
N PHE A 232 13.75 0.56 1.56
CA PHE A 232 14.31 0.77 2.89
C PHE A 232 14.63 -0.58 3.51
N GLU A 233 15.90 -0.80 3.84
CA GLU A 233 16.35 -2.10 4.30
C GLU A 233 17.16 -2.04 5.60
N VAL A 234 16.84 -2.95 6.51
CA VAL A 234 17.59 -3.09 7.76
C VAL A 234 18.12 -4.51 7.88
N THR A 235 19.43 -4.66 8.06
CA THR A 235 20.03 -5.99 8.12
C THR A 235 20.77 -6.24 9.43
N LYS A 236 21.25 -5.16 10.07
CA LYS A 236 21.93 -5.28 11.35
C LYS A 236 20.98 -5.82 12.42
N PHE A 237 21.36 -6.94 13.03
CA PHE A 237 20.49 -7.64 13.98
C PHE A 237 20.13 -6.77 15.19
N SER A 238 21.08 -5.97 15.63
CA SER A 238 20.85 -5.09 16.79
C SER A 238 19.73 -4.10 16.50
N ASP A 239 19.74 -3.53 15.30
CA ASP A 239 18.70 -2.60 14.89
C ASP A 239 17.35 -3.30 14.73
N ILE A 240 17.40 -4.51 14.19
CA ILE A 240 16.19 -5.30 13.99
C ILE A 240 15.58 -5.74 15.31
N ASN A 241 16.41 -6.27 16.20
CA ASN A 241 15.93 -6.85 17.45
C ASN A 241 15.53 -5.80 18.48
N ASP A 242 16.20 -4.65 18.47
CA ASP A 242 15.98 -3.63 19.48
C ASP A 242 15.04 -2.51 19.03
N LYS A 243 14.98 -2.27 17.72
CA LYS A 243 14.20 -1.15 17.21
C LYS A 243 13.04 -1.57 16.31
N ILE A 244 13.33 -2.41 15.31
CA ILE A 244 12.33 -2.81 14.34
C ILE A 244 11.21 -3.66 14.94
N ILE A 245 11.60 -4.77 15.58
CA ILE A 245 10.64 -5.69 16.18
C ILE A 245 9.73 -5.07 17.26
N PRO A 246 10.29 -4.29 18.21
CA PRO A 246 9.39 -3.72 19.23
C PRO A 246 8.33 -2.77 18.66
N VAL A 247 8.61 -2.14 17.53
CA VAL A 247 7.66 -1.24 16.89
C VAL A 247 6.40 -1.98 16.46
N PHE A 248 6.58 -3.12 15.82
CA PHE A 248 5.45 -3.89 15.30
C PHE A 248 4.88 -4.84 16.34
N GLN A 249 5.49 -4.88 17.51
CA GLN A 249 4.93 -5.57 18.66
C GLN A 249 3.97 -4.64 19.37
N GLU A 250 4.32 -3.36 19.38
CA GLU A 250 3.44 -2.32 19.91
C GLU A 250 2.25 -2.14 18.99
N ASN A 251 2.53 -1.89 17.71
CA ASN A 251 1.49 -1.67 16.72
C ASN A 251 1.32 -2.91 15.85
N THR A 252 0.30 -3.71 16.17
CA THR A 252 0.10 -4.99 15.52
C THR A 252 -0.12 -4.87 14.01
N LEU A 253 0.37 -5.86 13.27
CA LEU A 253 0.16 -5.92 11.83
C LEU A 253 -1.16 -6.61 11.50
N ILE A 254 -1.61 -6.47 10.27
CA ILE A 254 -2.84 -7.12 9.84
C ILE A 254 -2.58 -8.03 8.64
N GLY A 255 -3.47 -9.01 8.45
CA GLY A 255 -3.35 -9.92 7.33
C GLY A 255 -2.40 -11.07 7.57
N VAL A 256 -2.03 -11.74 6.48
CA VAL A 256 -1.17 -12.92 6.55
C VAL A 256 0.27 -12.54 6.92
N LYS A 257 0.65 -11.30 6.61
CA LYS A 257 2.02 -10.84 6.86
C LYS A 257 2.35 -10.83 8.34
N LEU A 258 1.32 -10.76 9.18
CA LEU A 258 1.50 -10.85 10.63
C LEU A 258 2.12 -12.19 11.02
N GLU A 259 1.69 -13.24 10.35
CA GLU A 259 2.20 -14.59 10.61
C GLU A 259 3.67 -14.69 10.22
N ASP A 260 4.04 -14.00 9.14
CA ASP A 260 5.43 -13.97 8.70
C ASP A 260 6.30 -13.24 9.72
N PHE A 261 5.74 -12.19 10.32
CA PHE A 261 6.44 -11.42 11.33
C PHE A 261 6.64 -12.23 12.61
N GLU A 262 5.65 -13.04 12.95
CA GLU A 262 5.72 -13.89 14.14
C GLU A 262 6.78 -14.97 13.97
N ASP A 263 6.85 -15.55 12.77
CA ASP A 263 7.90 -16.49 12.43
C ASP A 263 9.24 -15.78 12.39
N TRP A 264 9.22 -14.53 11.94
CA TRP A 264 10.41 -13.70 11.84
C TRP A 264 11.01 -13.44 13.22
N CYS A 265 10.14 -13.22 14.20
CA CYS A 265 10.58 -12.99 15.57
C CYS A 265 11.07 -14.28 16.21
N LYS A 266 10.51 -15.41 15.78
CA LYS A 266 10.90 -16.71 16.29
C LYS A 266 12.35 -17.03 15.90
N VAL A 267 12.74 -16.61 14.69
CA VAL A 267 14.10 -16.79 14.23
C VAL A 267 15.03 -15.81 14.93
N ALA A 268 14.51 -14.61 15.20
CA ALA A 268 15.27 -13.57 15.91
C ALA A 268 15.65 -14.03 17.31
N LYS A 269 14.72 -14.74 17.95
CA LYS A 269 14.95 -15.25 19.30
C LYS A 269 16.07 -16.30 19.31
N LEU A 270 16.13 -17.10 18.25
CA LEU A 270 17.16 -18.12 18.13
C LEU A 270 18.54 -17.50 17.96
N ILE A 271 18.62 -16.46 17.15
CA ILE A 271 19.87 -15.73 16.95
C ILE A 271 20.27 -15.01 18.23
N GLU A 272 19.27 -14.45 18.92
CA GLU A 272 19.48 -13.77 20.18
C GLU A 272 20.07 -14.71 21.22
N GLU A 273 19.69 -15.99 21.12
CA GLU A 273 20.22 -17.01 22.02
C GLU A 273 21.42 -17.71 21.39
N LYS A 274 21.87 -17.18 20.26
CA LYS A 274 23.04 -17.70 19.54
C LYS A 274 22.88 -19.17 19.15
N LYS A 275 21.62 -19.60 18.98
CA LYS A 275 21.35 -20.98 18.58
C LYS A 275 21.38 -21.14 17.06
N HIS A 276 21.47 -20.01 16.36
CA HIS A 276 21.55 -20.03 14.90
C HIS A 276 22.86 -20.63 14.44
N LEU A 277 23.87 -20.55 15.31
CA LEU A 277 25.19 -21.12 15.03
C LEU A 277 25.19 -22.63 15.31
N THR A 278 24.18 -23.08 16.03
CA THR A 278 24.02 -24.51 16.32
C THR A 278 23.48 -25.23 15.10
N GLU A 279 23.98 -26.44 14.86
CA GLU A 279 23.51 -27.26 13.75
C GLU A 279 22.04 -27.60 13.91
N SER A 280 21.61 -27.73 15.17
CA SER A 280 20.22 -28.03 15.48
C SER A 280 19.33 -26.81 15.25
N GLY A 281 19.80 -25.66 15.71
CA GLY A 281 19.05 -24.42 15.61
C GLY A 281 18.87 -23.91 14.20
N LEU A 282 19.87 -24.16 13.36
CA LEU A 282 19.81 -23.73 11.96
C LEU A 282 18.78 -24.52 11.18
N ASP A 283 18.74 -25.83 11.43
CA ASP A 283 17.76 -26.69 10.78
C ASP A 283 16.34 -26.26 11.15
N GLU A 284 16.19 -25.76 12.37
CA GLU A 284 14.93 -25.21 12.83
C GLU A 284 14.60 -23.94 12.05
N ILE A 285 15.60 -23.09 11.87
CA ILE A 285 15.44 -21.86 11.08
C ILE A 285 15.10 -22.20 9.63
N LYS A 286 15.76 -23.22 9.10
CA LYS A 286 15.53 -23.65 7.72
C LYS A 286 14.08 -24.12 7.52
N LYS A 287 13.51 -24.73 8.56
CA LYS A 287 12.13 -25.21 8.50
C LYS A 287 11.13 -24.07 8.60
N ILE A 288 11.46 -23.07 9.42
CA ILE A 288 10.60 -21.90 9.59
C ILE A 288 10.57 -21.06 8.33
N LYS A 289 11.76 -20.82 7.75
CA LYS A 289 11.89 -20.04 6.53
C LYS A 289 11.09 -20.65 5.37
N LEU A 290 11.05 -21.97 5.32
CA LEU A 290 10.38 -22.68 4.24
C LEU A 290 8.86 -22.49 4.26
N ASN A 291 8.33 -22.04 5.39
CA ASN A 291 6.89 -21.91 5.55
C ASN A 291 6.42 -20.47 5.75
N MET A 292 7.31 -19.51 5.46
CA MET A 292 6.93 -18.10 5.55
C MET A 292 7.00 -17.43 4.19
N ASN A 293 6.29 -16.31 4.06
CA ASN A 293 6.20 -15.56 2.81
C ASN A 293 5.64 -16.41 1.66
N LYS A 294 6.36 -16.45 0.55
CA LYS A 294 5.91 -17.20 -0.62
C LYS A 294 5.89 -18.70 -0.34
N GLY A 295 6.71 -19.13 0.61
CA GLY A 295 6.77 -20.53 0.99
C GLY A 295 5.52 -20.97 1.73
N ARG A 296 4.84 -20.02 2.36
CA ARG A 296 3.62 -20.31 3.10
C ARG A 296 2.49 -20.69 2.14
N VAL A 297 1.96 -21.89 2.31
CA VAL A 297 0.88 -22.37 1.45
C VAL A 297 -0.39 -22.61 2.26
N PHE A 298 -0.25 -22.62 3.57
CA PHE A 298 -1.39 -22.82 4.47
C PHE A 298 -1.37 -21.84 5.63
CA CA D . 1.57 0.70 -3.35
CA CA E . 0.67 -5.85 -0.12
#